data_4O9M
#
_entry.id   4O9M
#
_cell.length_a   54.627
_cell.length_b   78.873
_cell.length_c   54.324
_cell.angle_alpha   90.00
_cell.angle_beta   105.94
_cell.angle_gamma   90.00
#
_symmetry.space_group_name_H-M   'P 1 21 1'
#
loop_
_entity.id
_entity.type
_entity.pdbx_description
1 polymer "DNA (5'-D(*CP*CP*GP*AP*CP*AP*GP*CP*GP*CP*AP*TP*CP*AP*GP*C)-3')"
2 polymer "DNA (5'-D(*GP*CP*TP*GP*AP*TP*GP*CP*GP*CP*C)-3')"
3 polymer "(5'-D(P*GP*TP*CP*GP*G)-3');"
4 polymer 'DNA polymerase beta'
5 non-polymer '[(2R,3S,4R,5R)-5-(6-amino-9H-purin-9-yl)-3,4-dihydroxytetrahydrofuran-2-yl]methyl [(2R,3S)-3-hydroxytetrahydrofuran-2-yl]methyl dihydrogen diphosphate'
6 non-polymer 'SODIUM ION'
7 water water
#
loop_
_entity_poly.entity_id
_entity_poly.type
_entity_poly.pdbx_seq_one_letter_code
_entity_poly.pdbx_strand_id
1 'polydeoxyribonucleotide' (DC)(DC)(DG)(DA)(DC)(DA)(DG)(DC)(DG)(DC)(DA)(DT)(DC)(DA)(DG)(DC) B
2 'polydeoxyribonucleotide' (DG)(DC)(DT)(DG)(DA)(DT)(DG)(DC)(DG)(DC)(DC) C
3 'polydeoxyribonucleotide/polyribonucleotide hybrid' (DG)(DT)(DC)(DG)(DG) D
4 'polypeptide(L)'
;MSKRKAPQETLNGGITDMLTELANFEKNVSQAIHKYNAYRKAASVIAKYPHKIKSGAEAKKLPGVGTKIAEKIDEFLATG
KLRKLEKIRQDDTSSSINFLTRVSGIGPSAARKFVDEGIKTLEDLRKNEDKLNHHQRIGLKYFGDFEKRIPREEMLQMQD
IVLNEVKKVDSEYIATVCGSFRRGAESSGDMDVLLTHPSFTSESTKQPKLLHQVVEQLQKVHFITDTLSKGETKFMGVCQ
LPSKNDEKEYPHRRIDIRLIPKDQYYCGVLYFTGSDIFNKNMRAHALEKGFTINEYTIRPLGVTGVAGEPLPVDSEKDIF
DYIQWKYREPKDRSE
;
A
#
# COMPACT_ATOMS: atom_id res chain seq x y z
N PRO D 7 11.17 -20.27 -3.28
CA PRO D 7 11.96 -19.74 -4.40
C PRO D 7 12.73 -18.45 -4.08
N GLN D 8 13.71 -18.12 -4.92
CA GLN D 8 14.46 -16.86 -4.82
C GLN D 8 14.46 -16.12 -6.17
N GLU D 9 15.11 -14.95 -6.22
CA GLU D 9 15.14 -14.13 -7.42
C GLU D 9 15.67 -14.91 -8.62
N THR D 10 16.81 -15.57 -8.43
CA THR D 10 17.53 -16.32 -9.46
C THR D 10 16.65 -17.20 -10.37
N LEU D 11 15.65 -17.85 -9.76
CA LEU D 11 14.71 -18.74 -10.45
C LEU D 11 14.07 -18.11 -11.67
N ASN D 12 13.15 -17.16 -11.46
CA ASN D 12 12.42 -16.54 -12.58
C ASN D 12 12.43 -15.02 -12.55
N GLY D 13 13.41 -14.44 -11.86
CA GLY D 13 13.49 -13.01 -11.68
C GLY D 13 13.48 -12.21 -12.96
N GLY D 14 14.14 -12.73 -13.99
CA GLY D 14 14.18 -12.09 -15.28
C GLY D 14 12.78 -11.95 -15.86
N ILE D 15 11.97 -12.98 -15.65
CA ILE D 15 10.57 -13.00 -16.07
C ILE D 15 9.73 -12.06 -15.21
N THR D 16 9.83 -12.17 -13.89
CA THR D 16 9.02 -11.32 -13.03
C THR D 16 9.35 -9.82 -13.15
N ASP D 17 10.63 -9.48 -13.36
CA ASP D 17 10.96 -8.08 -13.62
C ASP D 17 10.40 -7.63 -14.98
N MET D 18 10.27 -8.58 -15.90
CA MET D 18 9.73 -8.25 -17.22
C MET D 18 8.27 -7.84 -17.06
N LEU D 19 7.50 -8.74 -16.47
CA LEU D 19 6.09 -8.50 -16.22
C LEU D 19 5.89 -7.22 -15.38
N THR D 20 6.80 -6.99 -14.44
CA THR D 20 6.73 -5.80 -13.58
C THR D 20 6.91 -4.52 -14.39
N GLU D 21 7.94 -4.50 -15.24
CA GLU D 21 8.13 -3.39 -16.18
C GLU D 21 6.88 -3.15 -17.03
N LEU D 22 6.32 -4.23 -17.58
CA LEU D 22 5.11 -4.14 -18.40
C LEU D 22 3.95 -3.60 -17.59
N ALA D 23 3.82 -4.10 -16.37
CA ALA D 23 2.80 -3.60 -15.44
C ALA D 23 2.88 -2.08 -15.31
N ASN D 24 4.09 -1.58 -15.12
CA ASN D 24 4.24 -0.15 -14.84
C ASN D 24 3.93 0.70 -16.05
N PHE D 25 4.31 0.21 -17.21
CA PHE D 25 4.00 0.91 -18.46
C PHE D 25 2.47 1.00 -18.70
N GLU D 26 1.75 -0.11 -18.46
CA GLU D 26 0.30 -0.10 -18.58
C GLU D 26 -0.37 0.91 -17.63
N LYS D 27 0.04 0.89 -16.36
CA LYS D 27 -0.50 1.84 -15.39
C LYS D 27 -0.22 3.28 -15.79
N ASN D 28 1.06 3.61 -15.90
CA ASN D 28 1.52 5.00 -15.98
C ASN D 28 1.43 5.64 -17.35
N VAL D 29 1.59 4.85 -18.39
CA VAL D 29 1.61 5.38 -19.74
C VAL D 29 0.31 5.12 -20.51
N SER D 30 -0.12 3.85 -20.55
CA SER D 30 -1.32 3.45 -21.27
C SER D 30 -2.59 3.76 -20.50
N GLN D 31 -2.45 3.94 -19.19
CA GLN D 31 -3.60 4.19 -18.31
C GLN D 31 -4.58 3.03 -18.31
N ALA D 32 -4.03 1.83 -18.13
CA ALA D 32 -4.80 0.58 -18.17
C ALA D 32 -4.65 -0.16 -16.84
N ILE D 33 -5.36 0.33 -15.83
CA ILE D 33 -5.13 -0.17 -14.48
C ILE D 33 -5.39 -1.67 -14.39
N HIS D 34 -6.32 -2.16 -15.20
CA HIS D 34 -6.63 -3.57 -15.17
C HIS D 34 -5.54 -4.45 -15.80
N LYS D 35 -4.85 -3.91 -16.80
CA LYS D 35 -3.71 -4.62 -17.34
C LYS D 35 -2.54 -4.54 -16.37
N TYR D 36 -2.41 -3.40 -15.69
CA TYR D 36 -1.38 -3.26 -14.67
C TYR D 36 -1.53 -4.36 -13.63
N ASN D 37 -2.74 -4.54 -13.13
CA ASN D 37 -3.00 -5.53 -12.10
C ASN D 37 -2.86 -6.97 -12.60
N ALA D 38 -3.16 -7.20 -13.87
CA ALA D 38 -3.01 -8.52 -14.47
C ALA D 38 -1.55 -8.93 -14.53
N TYR D 39 -0.70 -8.04 -15.06
CA TYR D 39 0.73 -8.28 -15.11
C TYR D 39 1.31 -8.52 -13.72
N ARG D 40 0.78 -7.80 -12.73
CA ARG D 40 1.25 -7.97 -11.36
C ARG D 40 0.81 -9.28 -10.76
N LYS D 41 -0.42 -9.67 -11.04
CA LYS D 41 -0.91 -10.97 -10.62
C LYS D 41 0.03 -12.04 -11.18
N ALA D 42 0.29 -11.95 -12.48
CA ALA D 42 1.15 -12.89 -13.17
C ALA D 42 2.54 -12.96 -12.54
N ALA D 43 3.11 -11.79 -12.29
CA ALA D 43 4.45 -11.65 -11.75
C ALA D 43 4.49 -12.26 -10.36
N SER D 44 3.44 -11.97 -9.60
CA SER D 44 3.36 -12.46 -8.25
C SER D 44 3.31 -13.99 -8.19
N VAL D 45 2.39 -14.61 -8.95
CA VAL D 45 2.21 -16.05 -8.89
C VAL D 45 3.45 -16.79 -9.42
N ILE D 46 4.12 -16.21 -10.40
CA ILE D 46 5.36 -16.78 -10.90
C ILE D 46 6.44 -16.66 -9.84
N ALA D 47 6.44 -15.55 -9.09
CA ALA D 47 7.41 -15.35 -8.00
C ALA D 47 7.31 -16.43 -6.92
N LYS D 48 6.13 -16.98 -6.68
CA LYS D 48 5.97 -18.03 -5.67
C LYS D 48 6.24 -19.42 -6.24
N TYR D 49 6.16 -19.55 -7.55
CA TYR D 49 6.36 -20.82 -8.24
C TYR D 49 7.79 -21.32 -8.06
N PRO D 50 7.95 -22.48 -7.42
CA PRO D 50 9.25 -23.01 -6.99
C PRO D 50 9.92 -23.86 -8.06
N HIS D 51 9.93 -23.35 -9.29
CA HIS D 51 10.66 -24.00 -10.37
C HIS D 51 11.14 -22.98 -11.37
N LYS D 52 12.34 -23.19 -11.89
CA LYS D 52 12.83 -22.46 -13.06
C LYS D 52 11.94 -22.81 -14.25
N ILE D 53 11.04 -21.90 -14.60
CA ILE D 53 10.17 -22.08 -15.76
C ILE D 53 10.96 -22.33 -17.05
N LYS D 54 10.45 -23.22 -17.90
CA LYS D 54 11.12 -23.63 -19.13
C LYS D 54 10.44 -23.12 -20.41
N SER D 55 9.18 -22.70 -20.29
CA SER D 55 8.40 -22.35 -21.46
C SER D 55 7.10 -21.66 -21.07
N GLY D 56 6.53 -20.89 -22.00
CA GLY D 56 5.26 -20.23 -21.76
C GLY D 56 4.18 -21.20 -21.35
N ALA D 57 4.15 -22.36 -21.99
CA ALA D 57 3.13 -23.38 -21.70
C ALA D 57 3.18 -23.85 -20.26
N GLU D 58 4.38 -24.07 -19.74
CA GLU D 58 4.57 -24.39 -18.33
C GLU D 58 3.94 -23.30 -17.48
N ALA D 59 4.26 -22.05 -17.82
CA ALA D 59 3.72 -20.88 -17.11
C ALA D 59 2.18 -20.80 -17.17
N LYS D 60 1.63 -21.03 -18.35
CA LYS D 60 0.19 -20.91 -18.59
C LYS D 60 -0.66 -21.76 -17.64
N LYS D 61 -0.04 -22.78 -17.04
CA LYS D 61 -0.74 -23.61 -16.06
C LYS D 61 -1.06 -22.87 -14.77
N LEU D 62 -0.34 -21.76 -14.52
CA LEU D 62 -0.53 -21.00 -13.29
C LEU D 62 -1.70 -20.05 -13.42
N PRO D 63 -2.46 -19.88 -12.34
CA PRO D 63 -3.62 -18.97 -12.45
C PRO D 63 -3.17 -17.53 -12.63
N GLY D 64 -3.71 -16.85 -13.64
CA GLY D 64 -3.34 -15.46 -13.90
C GLY D 64 -2.39 -15.29 -15.09
N VAL D 65 -1.86 -16.41 -15.58
CA VAL D 65 -0.98 -16.37 -16.75
C VAL D 65 -1.71 -16.94 -17.97
N GLY D 66 -1.97 -16.09 -18.96
CA GLY D 66 -2.71 -16.51 -20.11
C GLY D 66 -1.84 -16.69 -21.33
N THR D 67 -2.47 -16.66 -22.49
CA THR D 67 -1.76 -16.91 -23.73
C THR D 67 -0.73 -15.81 -24.00
N LYS D 68 -1.07 -14.56 -23.68
CA LYS D 68 -0.20 -13.44 -24.06
C LYS D 68 1.08 -13.43 -23.25
N ILE D 69 0.97 -13.69 -21.96
CA ILE D 69 2.16 -13.71 -21.10
C ILE D 69 3.01 -14.94 -21.39
N ALA D 70 2.34 -16.05 -21.71
CA ALA D 70 3.03 -17.29 -22.07
C ALA D 70 3.83 -17.07 -23.33
N GLU D 71 3.29 -16.22 -24.21
CA GLU D 71 4.01 -15.83 -25.42
C GLU D 71 5.23 -14.97 -25.08
N LYS D 72 5.02 -14.00 -24.21
CA LYS D 72 6.10 -13.10 -23.83
C LYS D 72 7.23 -13.90 -23.17
N ILE D 73 6.87 -14.77 -22.25
CA ILE D 73 7.84 -15.64 -21.59
C ILE D 73 8.67 -16.44 -22.61
N ASP D 74 8.02 -16.92 -23.66
CA ASP D 74 8.71 -17.69 -24.71
C ASP D 74 9.73 -16.87 -25.47
N GLU D 75 9.35 -15.65 -25.87
CA GLU D 75 10.28 -14.72 -26.54
C GLU D 75 11.46 -14.34 -25.65
N PHE D 76 11.17 -14.08 -24.38
CA PHE D 76 12.21 -13.78 -23.42
C PHE D 76 13.13 -14.98 -23.19
N LEU D 77 12.54 -16.16 -23.07
CA LEU D 77 13.33 -17.35 -22.78
C LEU D 77 14.32 -17.59 -23.91
N ALA D 78 13.84 -17.41 -25.14
CA ALA D 78 14.65 -17.71 -26.31
C ALA D 78 15.62 -16.58 -26.64
N THR D 79 15.30 -15.35 -26.28
CA THR D 79 16.14 -14.22 -26.69
C THR D 79 16.80 -13.48 -25.53
N GLY D 80 16.21 -13.60 -24.34
CA GLY D 80 16.71 -12.84 -23.21
C GLY D 80 16.20 -11.42 -23.16
N LYS D 81 15.20 -11.10 -23.99
CA LYS D 81 14.57 -9.79 -23.94
C LYS D 81 13.21 -9.81 -24.60
N LEU D 82 12.53 -8.68 -24.50
CA LEU D 82 11.23 -8.49 -25.14
C LEU D 82 11.38 -7.29 -26.04
N ARG D 83 11.09 -7.46 -27.33
CA ARG D 83 11.21 -6.36 -28.29
C ARG D 83 10.39 -5.16 -27.85
N LYS D 84 9.20 -5.42 -27.31
N LYS D 84 9.19 -5.42 -27.33
CA LYS D 84 8.31 -4.37 -26.87
CA LYS D 84 8.30 -4.36 -26.86
C LYS D 84 8.91 -3.56 -25.72
C LYS D 84 8.94 -3.55 -25.73
N LEU D 85 9.44 -4.26 -24.72
CA LEU D 85 10.08 -3.59 -23.60
C LEU D 85 11.26 -2.77 -24.08
N GLU D 86 12.11 -3.39 -24.90
CA GLU D 86 13.28 -2.72 -25.46
C GLU D 86 12.89 -1.43 -26.15
N LYS D 87 11.84 -1.48 -26.96
CA LYS D 87 11.39 -0.29 -27.68
C LYS D 87 10.87 0.75 -26.69
N ILE D 88 9.98 0.33 -25.80
CA ILE D 88 9.45 1.22 -24.77
C ILE D 88 10.55 1.90 -23.97
N ARG D 89 11.48 1.12 -23.44
CA ARG D 89 12.60 1.64 -22.66
C ARG D 89 13.34 2.79 -23.34
N GLN D 90 13.45 2.73 -24.66
CA GLN D 90 14.16 3.77 -25.41
C GLN D 90 13.27 4.97 -25.77
N ASP D 91 11.96 4.88 -25.47
CA ASP D 91 11.03 5.93 -25.87
C ASP D 91 11.00 7.05 -24.84
N ASP D 92 11.60 8.18 -25.21
CA ASP D 92 11.73 9.34 -24.34
C ASP D 92 10.43 9.69 -23.66
N THR D 93 9.36 9.76 -24.44
CA THR D 93 8.06 10.16 -23.92
C THR D 93 7.53 9.18 -22.89
N SER D 94 7.48 7.91 -23.27
CA SER D 94 6.99 6.89 -22.39
C SER D 94 7.85 6.69 -21.15
N SER D 95 9.17 6.65 -21.32
CA SER D 95 10.04 6.44 -20.18
C SER D 95 9.98 7.63 -19.21
N SER D 96 9.81 8.83 -19.75
CA SER D 96 9.67 10.02 -18.90
C SER D 96 8.32 10.05 -18.17
N ILE D 97 7.26 9.64 -18.87
CA ILE D 97 5.94 9.62 -18.26
C ILE D 97 5.98 8.64 -17.09
N ASN D 98 6.48 7.44 -17.37
CA ASN D 98 6.61 6.40 -16.34
C ASN D 98 7.37 6.91 -15.12
N PHE D 99 8.50 7.57 -15.37
CA PHE D 99 9.37 8.06 -14.31
C PHE D 99 8.70 9.08 -13.40
N LEU D 100 8.09 10.10 -14.00
CA LEU D 100 7.43 11.14 -13.22
C LEU D 100 6.41 10.60 -12.21
N THR D 101 5.80 9.45 -12.51
CA THR D 101 4.82 8.86 -11.60
C THR D 101 5.43 8.41 -10.28
N ARG D 102 6.75 8.30 -10.22
CA ARG D 102 7.40 7.98 -8.96
C ARG D 102 7.25 9.10 -7.93
N VAL D 103 7.02 10.33 -8.41
CA VAL D 103 6.69 11.40 -7.49
C VAL D 103 5.29 11.18 -6.91
N SER D 104 5.23 11.09 -5.59
CA SER D 104 3.97 11.00 -4.87
C SER D 104 3.07 12.19 -5.17
N GLY D 105 1.85 11.91 -5.65
CA GLY D 105 0.96 12.95 -6.08
C GLY D 105 0.96 13.17 -7.58
N ILE D 106 1.99 12.71 -8.28
CA ILE D 106 1.95 12.71 -9.74
C ILE D 106 1.54 11.34 -10.23
N GLY D 107 0.30 11.24 -10.71
CA GLY D 107 -0.17 9.99 -11.26
C GLY D 107 0.04 10.00 -12.75
N PRO D 108 -0.51 9.00 -13.45
CA PRO D 108 -0.28 8.93 -14.89
C PRO D 108 -0.86 10.14 -15.64
N SER D 109 -1.91 10.76 -15.12
CA SER D 109 -2.48 11.90 -15.86
C SER D 109 -1.66 13.18 -15.76
N ALA D 110 -1.22 13.52 -14.54
CA ALA D 110 -0.30 14.65 -14.33
C ALA D 110 1.00 14.42 -15.07
N ALA D 111 1.53 13.20 -15.01
CA ALA D 111 2.81 12.92 -15.67
C ALA D 111 2.71 13.09 -17.18
N ARG D 112 1.60 12.65 -17.76
CA ARG D 112 1.38 12.83 -19.19
C ARG D 112 1.28 14.30 -19.53
N LYS D 113 0.50 15.04 -18.74
CA LYS D 113 0.42 16.49 -18.91
C LYS D 113 1.80 17.15 -18.88
N PHE D 114 2.59 16.83 -17.85
CA PHE D 114 3.92 17.44 -17.72
C PHE D 114 4.78 17.10 -18.92
N VAL D 115 4.78 15.84 -19.33
CA VAL D 115 5.59 15.44 -20.48
C VAL D 115 5.06 16.09 -21.77
N ASP D 116 3.74 16.32 -21.84
CA ASP D 116 3.16 16.99 -23.00
C ASP D 116 3.77 18.39 -23.20
N GLU D 117 4.20 19.03 -22.11
CA GLU D 117 4.68 20.41 -22.18
C GLU D 117 6.18 20.55 -22.00
N GLY D 118 6.91 19.45 -22.16
CA GLY D 118 8.36 19.47 -22.07
C GLY D 118 8.91 19.20 -20.68
N ILE D 119 8.05 19.03 -19.69
CA ILE D 119 8.53 18.78 -18.34
C ILE D 119 8.75 17.29 -18.14
N LYS D 120 10.01 16.87 -18.12
CA LYS D 120 10.35 15.45 -18.25
C LYS D 120 11.17 14.90 -17.09
N THR D 121 11.84 15.77 -16.37
CA THR D 121 12.73 15.33 -15.31
C THR D 121 12.39 15.97 -13.97
N LEU D 122 12.99 15.47 -12.89
CA LEU D 122 12.89 16.09 -11.58
C LEU D 122 13.39 17.52 -11.67
N GLU D 123 14.41 17.70 -12.50
CA GLU D 123 15.03 19.01 -12.64
C GLU D 123 14.06 19.97 -13.26
N ASP D 124 13.28 19.49 -14.22
CA ASP D 124 12.27 20.33 -14.86
C ASP D 124 11.15 20.63 -13.86
N LEU D 125 10.87 19.67 -12.99
CA LEU D 125 9.88 19.84 -11.94
C LEU D 125 10.36 20.90 -10.95
N ARG D 126 11.61 20.76 -10.51
CA ARG D 126 12.23 21.70 -9.58
C ARG D 126 12.12 23.14 -10.07
N LYS D 127 12.32 23.34 -11.37
CA LYS D 127 12.36 24.69 -11.92
C LYS D 127 10.99 25.11 -12.46
N ASN D 128 9.96 24.36 -12.08
CA ASN D 128 8.59 24.62 -12.51
C ASN D 128 7.61 24.50 -11.35
N GLU D 129 8.07 24.86 -10.16
CA GLU D 129 7.31 24.69 -8.92
C GLU D 129 5.86 25.14 -9.01
N ASP D 130 5.61 26.23 -9.73
CA ASP D 130 4.29 26.84 -9.77
C ASP D 130 3.25 25.90 -10.37
N LYS D 131 3.71 25.01 -11.24
CA LYS D 131 2.80 24.12 -11.94
C LYS D 131 2.51 22.85 -11.13
N LEU D 132 3.07 22.76 -9.94
CA LEU D 132 2.83 21.63 -9.04
C LEU D 132 1.86 21.99 -7.92
N ASN D 133 0.89 21.12 -7.64
CA ASN D 133 0.10 21.29 -6.42
C ASN D 133 0.93 21.04 -5.13
N HIS D 134 0.28 21.21 -3.97
CA HIS D 134 0.97 21.04 -2.67
C HIS D 134 1.52 19.62 -2.46
N HIS D 135 0.70 18.61 -2.77
CA HIS D 135 1.10 17.23 -2.60
C HIS D 135 2.34 16.95 -3.44
N GLN D 136 2.28 17.34 -4.70
CA GLN D 136 3.38 17.08 -5.61
C GLN D 136 4.70 17.69 -5.17
N ARG D 137 4.65 18.91 -4.62
CA ARG D 137 5.86 19.57 -4.13
C ARG D 137 6.48 18.77 -2.99
N ILE D 138 5.64 18.29 -2.06
CA ILE D 138 6.15 17.43 -1.01
C ILE D 138 6.67 16.13 -1.59
N GLY D 139 5.99 15.64 -2.62
CA GLY D 139 6.45 14.45 -3.32
C GLY D 139 7.83 14.67 -3.90
N LEU D 140 8.01 15.82 -4.54
CA LEU D 140 9.28 16.17 -5.14
C LEU D 140 10.37 16.32 -4.07
N LYS D 141 10.13 17.20 -3.11
CA LYS D 141 11.07 17.44 -2.02
C LYS D 141 11.57 16.15 -1.37
N TYR D 142 10.68 15.18 -1.20
CA TYR D 142 11.07 13.99 -0.48
C TYR D 142 11.31 12.77 -1.38
N PHE D 143 11.55 13.04 -2.65
CA PHE D 143 11.55 12.00 -3.68
C PHE D 143 12.39 10.81 -3.29
N GLY D 144 13.63 11.08 -2.92
CA GLY D 144 14.58 10.04 -2.58
C GLY D 144 14.22 9.40 -1.26
N ASP D 145 13.77 10.19 -0.29
CA ASP D 145 13.35 9.65 1.00
C ASP D 145 12.19 8.68 0.84
N PHE D 146 11.25 8.99 -0.05
CA PHE D 146 10.03 8.20 -0.12
C PHE D 146 10.24 6.83 -0.75
N GLU D 147 11.36 6.64 -1.46
CA GLU D 147 11.63 5.35 -2.07
C GLU D 147 12.45 4.44 -1.18
N LYS D 148 12.95 4.97 -0.08
CA LYS D 148 13.68 4.16 0.91
C LYS D 148 12.71 3.31 1.72
N ARG D 149 13.17 2.16 2.16
CA ARG D 149 12.40 1.32 3.06
C ARG D 149 12.61 1.82 4.49
N ILE D 150 11.74 1.39 5.39
CA ILE D 150 11.81 1.73 6.80
C ILE D 150 12.09 0.47 7.60
N PRO D 151 13.33 0.31 8.09
CA PRO D 151 13.64 -0.83 8.94
C PRO D 151 12.78 -0.86 10.21
N ARG D 152 12.55 -2.07 10.70
CA ARG D 152 11.67 -2.32 11.83
C ARG D 152 12.07 -1.54 13.09
N GLU D 153 13.38 -1.36 13.28
CA GLU D 153 13.87 -0.66 14.46
C GLU D 153 13.49 0.82 14.47
N GLU D 154 13.62 1.48 13.32
CA GLU D 154 13.15 2.85 13.19
C GLU D 154 11.65 2.90 13.37
N MET D 155 10.98 1.91 12.77
CA MET D 155 9.55 1.73 12.87
C MET D 155 9.12 1.55 14.33
N LEU D 156 9.88 0.76 15.09
CA LEU D 156 9.67 0.66 16.54
C LEU D 156 9.81 2.01 17.25
N GLN D 157 10.79 2.80 16.81
CA GLN D 157 11.01 4.11 17.41
C GLN D 157 9.88 5.07 17.03
N MET D 158 9.39 4.93 15.80
CA MET D 158 8.30 5.78 15.32
C MET D 158 7.03 5.48 16.10
N GLN D 159 6.74 4.20 16.31
CA GLN D 159 5.61 3.75 17.11
C GLN D 159 5.66 4.24 18.56
N ASP D 160 6.84 4.13 19.17
CA ASP D 160 7.05 4.68 20.52
C ASP D 160 6.50 6.09 20.55
N ILE D 161 6.91 6.89 19.57
CA ILE D 161 6.50 8.28 19.53
C ILE D 161 4.99 8.45 19.34
N VAL D 162 4.41 7.71 18.39
CA VAL D 162 2.98 7.82 18.14
C VAL D 162 2.16 7.40 19.35
N LEU D 163 2.54 6.30 20.00
CA LEU D 163 1.76 5.82 21.14
C LEU D 163 1.87 6.73 22.36
N ASN D 164 3.06 7.25 22.61
CA ASN D 164 3.27 8.17 23.72
C ASN D 164 2.46 9.44 23.56
N GLU D 165 2.50 10.03 22.38
CA GLU D 165 1.88 11.33 22.16
C GLU D 165 0.35 11.26 22.07
N VAL D 166 -0.17 10.19 21.49
CA VAL D 166 -1.61 9.98 21.42
C VAL D 166 -2.18 9.84 22.83
N LYS D 167 -1.54 9.00 23.63
CA LYS D 167 -1.97 8.81 25.01
C LYS D 167 -1.93 10.12 25.81
N LYS D 168 -0.97 11.00 25.52
CA LYS D 168 -0.88 12.30 26.20
C LYS D 168 -2.07 13.19 25.86
N VAL D 169 -2.58 13.06 24.64
CA VAL D 169 -3.72 13.86 24.21
C VAL D 169 -4.99 13.47 24.95
N ASP D 170 -5.24 12.18 24.99
CA ASP D 170 -6.33 11.63 25.76
C ASP D 170 -6.00 10.16 25.94
N SER D 171 -5.97 9.73 27.19
CA SER D 171 -5.52 8.39 27.55
C SER D 171 -6.58 7.34 27.24
N GLU D 172 -7.69 7.77 26.65
CA GLU D 172 -8.77 6.87 26.29
C GLU D 172 -8.76 6.51 24.81
N TYR D 173 -7.90 7.20 24.05
CA TYR D 173 -7.64 6.81 22.67
C TYR D 173 -7.12 5.36 22.55
N ILE D 174 -7.47 4.69 21.46
CA ILE D 174 -6.89 3.40 21.14
C ILE D 174 -6.21 3.55 19.79
N ALA D 175 -4.95 3.15 19.73
CA ALA D 175 -4.13 3.34 18.55
C ALA D 175 -3.36 2.07 18.21
N THR D 176 -3.24 1.77 16.92
CA THR D 176 -2.63 0.54 16.50
C THR D 176 -1.88 0.76 15.20
N VAL D 177 -0.57 0.55 15.22
CA VAL D 177 0.19 0.57 13.98
C VAL D 177 -0.03 -0.75 13.25
N CYS D 178 -0.74 -0.67 12.14
CA CYS D 178 -1.12 -1.86 11.36
C CYS D 178 -0.16 -2.12 10.22
N GLY D 179 -0.66 -2.48 9.04
CA GLY D 179 0.19 -2.84 7.91
C GLY D 179 1.11 -4.03 8.15
N SER D 180 2.12 -4.17 7.31
CA SER D 180 3.03 -5.30 7.41
C SER D 180 3.81 -5.28 8.73
N PHE D 181 4.02 -4.09 9.28
CA PHE D 181 4.76 -3.97 10.54
C PHE D 181 4.11 -4.78 11.64
N ARG D 182 2.78 -4.70 11.72
CA ARG D 182 2.04 -5.46 12.72
C ARG D 182 2.14 -6.95 12.43
N ARG D 183 2.43 -7.28 11.17
CA ARG D 183 2.65 -8.67 10.75
C ARG D 183 4.11 -9.07 10.95
N GLY D 184 4.88 -8.23 11.63
CA GLY D 184 6.24 -8.59 11.99
C GLY D 184 7.25 -8.44 10.87
N ALA D 185 6.87 -7.72 9.81
CA ALA D 185 7.81 -7.42 8.74
C ALA D 185 9.10 -6.80 9.25
N GLU D 186 10.20 -7.16 8.61
CA GLU D 186 11.53 -6.66 8.97
C GLU D 186 11.73 -5.26 8.42
N SER D 187 10.93 -4.90 7.43
CA SER D 187 11.02 -3.62 6.76
C SER D 187 9.61 -3.10 6.50
N SER D 188 9.48 -1.79 6.30
CA SER D 188 8.19 -1.21 5.93
C SER D 188 8.30 -0.16 4.83
N GLY D 189 7.16 0.10 4.19
CA GLY D 189 7.09 1.10 3.14
C GLY D 189 6.69 2.44 3.70
N ASP D 190 5.77 2.41 4.68
CA ASP D 190 5.36 3.62 5.40
C ASP D 190 4.79 3.17 6.73
N MET D 191 4.11 4.08 7.43
CA MET D 191 3.48 3.73 8.71
C MET D 191 2.02 4.10 8.64
N ASP D 192 1.17 3.12 8.94
CA ASP D 192 -0.26 3.33 8.96
C ASP D 192 -0.76 3.17 10.39
N VAL D 193 -1.45 4.19 10.87
CA VAL D 193 -1.89 4.23 12.25
C VAL D 193 -3.41 4.32 12.26
N LEU D 194 -4.05 3.34 12.91
CA LEU D 194 -5.50 3.35 13.03
C LEU D 194 -5.91 3.85 14.39
N LEU D 195 -6.93 4.70 14.43
CA LEU D 195 -7.21 5.49 15.61
C LEU D 195 -8.68 5.50 15.94
N THR D 196 -9.02 5.26 17.20
CA THR D 196 -10.41 5.37 17.63
C THR D 196 -10.53 5.92 19.05
N HIS D 197 -11.74 6.30 19.43
CA HIS D 197 -12.00 6.91 20.72
C HIS D 197 -13.43 6.56 21.13
N PRO D 198 -13.66 6.24 22.42
CA PRO D 198 -14.99 5.86 22.92
C PRO D 198 -16.12 6.82 22.52
N SER D 199 -15.80 8.11 22.43
CA SER D 199 -16.79 9.12 22.10
C SER D 199 -17.10 9.17 20.61
N PHE D 200 -16.60 8.19 19.85
CA PHE D 200 -16.78 8.18 18.41
C PHE D 200 -17.25 6.80 17.94
N THR D 201 -18.55 6.68 17.68
CA THR D 201 -19.12 5.45 17.16
C THR D 201 -19.81 5.72 15.83
N SER D 202 -20.47 4.69 15.28
CA SER D 202 -21.24 4.81 14.04
C SER D 202 -22.34 5.87 14.09
N GLU D 203 -22.98 6.00 15.24
CA GLU D 203 -24.06 6.99 15.42
C GLU D 203 -23.60 8.24 16.16
N SER D 204 -22.32 8.60 16.00
CA SER D 204 -21.74 9.75 16.70
C SER D 204 -20.62 10.45 15.91
N PRO D 208 -15.84 15.02 17.98
CA PRO D 208 -15.58 16.43 17.65
C PRO D 208 -14.43 16.55 16.66
N LYS D 209 -13.25 16.95 17.13
CA LYS D 209 -12.07 17.01 16.28
C LYS D 209 -10.97 16.09 16.82
N LEU D 210 -11.38 14.87 17.13
CA LEU D 210 -10.50 13.85 17.67
C LEU D 210 -9.21 13.67 16.87
N LEU D 211 -9.28 13.82 15.56
CA LEU D 211 -8.12 13.56 14.71
C LEU D 211 -7.20 14.77 14.66
N HIS D 212 -7.79 15.96 14.55
CA HIS D 212 -6.99 17.16 14.49
C HIS D 212 -6.13 17.30 15.73
N GLN D 213 -6.73 16.99 16.88
CA GLN D 213 -6.01 17.07 18.13
C GLN D 213 -4.78 16.17 18.12
N VAL D 214 -4.90 14.95 17.60
CA VAL D 214 -3.73 14.07 17.52
C VAL D 214 -2.65 14.57 16.55
N VAL D 215 -3.05 14.94 15.34
CA VAL D 215 -2.11 15.46 14.33
C VAL D 215 -1.34 16.64 14.88
N GLU D 216 -2.03 17.47 15.65
CA GLU D 216 -1.44 18.69 16.16
C GLU D 216 -0.37 18.40 17.23
N GLN D 217 -0.64 17.41 18.07
CA GLN D 217 0.32 17.05 19.09
C GLN D 217 1.59 16.54 18.43
N LEU D 218 1.43 15.63 17.48
CA LEU D 218 2.57 15.10 16.74
C LEU D 218 3.31 16.21 15.97
N GLN D 219 2.62 17.28 15.59
CA GLN D 219 3.31 18.41 14.98
C GLN D 219 4.01 19.27 16.03
N LYS D 220 3.48 19.29 17.24
CA LYS D 220 4.07 20.10 18.29
C LYS D 220 5.46 19.55 18.70
N VAL D 221 5.62 18.24 18.75
CA VAL D 221 6.89 17.66 19.13
C VAL D 221 7.74 17.38 17.89
N HIS D 222 7.32 17.94 16.77
CA HIS D 222 8.10 17.94 15.54
C HIS D 222 8.35 16.55 14.98
N PHE D 223 7.40 15.66 15.22
CA PHE D 223 7.44 14.34 14.61
C PHE D 223 6.83 14.37 13.22
N ILE D 224 5.64 14.96 13.09
CA ILE D 224 5.01 15.19 11.78
C ILE D 224 5.54 16.49 11.18
N THR D 225 6.12 16.40 9.99
CA THR D 225 6.77 17.57 9.41
C THR D 225 6.00 18.19 8.24
N ASP D 226 5.14 17.40 7.58
CA ASP D 226 4.36 17.89 6.43
C ASP D 226 2.98 17.23 6.33
N THR D 227 2.09 17.90 5.61
CA THR D 227 0.73 17.42 5.46
C THR D 227 0.38 17.27 3.97
N LEU D 228 0.01 16.06 3.58
CA LEU D 228 -0.39 15.82 2.18
C LEU D 228 -1.89 16.03 2.04
N SER D 229 -2.64 15.56 3.01
CA SER D 229 -4.08 15.72 3.01
C SER D 229 -4.58 15.45 4.41
N LYS D 230 -5.69 16.07 4.78
CA LYS D 230 -6.20 15.97 6.14
C LYS D 230 -7.65 16.40 6.26
N GLY D 231 -8.49 15.50 6.73
CA GLY D 231 -9.86 15.86 7.07
C GLY D 231 -10.17 15.29 8.43
N GLU D 232 -11.46 15.13 8.71
CA GLU D 232 -11.93 14.59 9.99
C GLU D 232 -11.54 13.14 10.28
N THR D 233 -11.43 12.29 9.26
CA THR D 233 -11.11 10.90 9.55
C THR D 233 -9.79 10.35 9.01
N LYS D 234 -9.24 10.98 7.98
CA LYS D 234 -8.00 10.45 7.41
C LYS D 234 -6.96 11.54 7.30
N PHE D 235 -5.77 11.25 7.83
CA PHE D 235 -4.63 12.13 7.66
C PHE D 235 -3.58 11.43 6.83
N MET D 236 -3.04 12.12 5.84
CA MET D 236 -1.87 11.63 5.11
C MET D 236 -0.74 12.67 5.16
N GLY D 237 0.44 12.25 5.57
CA GLY D 237 1.57 13.16 5.62
C GLY D 237 2.95 12.53 5.75
N VAL D 238 3.82 13.27 6.41
CA VAL D 238 5.24 12.98 6.45
C VAL D 238 5.74 13.11 7.87
N CYS D 239 6.62 12.21 8.29
CA CYS D 239 7.23 12.31 9.60
C CYS D 239 8.72 12.05 9.59
N GLN D 240 9.36 12.33 10.70
CA GLN D 240 10.80 12.15 10.83
C GLN D 240 11.23 12.00 12.28
N LEU D 241 11.91 10.89 12.55
CA LEU D 241 12.54 10.65 13.82
C LEU D 241 13.57 11.75 14.07
N PRO D 242 13.77 12.11 15.35
CA PRO D 242 14.73 13.18 15.68
C PRO D 242 16.17 12.67 15.59
N SER D 243 17.02 13.41 14.88
CA SER D 243 18.41 13.01 14.71
C SER D 243 19.14 13.04 16.04
N LYS D 244 19.89 11.97 16.30
CA LYS D 244 20.75 11.92 17.48
C LYS D 244 21.78 13.04 17.39
N ASN D 245 22.05 13.69 18.53
CA ASN D 245 22.95 14.85 18.57
C ASN D 245 24.26 14.60 17.81
N ASP D 246 24.53 15.48 16.85
CA ASP D 246 25.65 15.31 15.93
C ASP D 246 25.57 13.98 15.19
N GLU D 247 24.73 13.92 14.16
CA GLU D 247 24.53 12.71 13.40
C GLU D 247 23.63 12.98 12.20
N LYS D 248 23.81 12.20 11.15
CA LYS D 248 23.02 12.36 9.92
C LYS D 248 21.53 12.29 10.23
N GLU D 249 20.76 13.19 9.61
CA GLU D 249 19.31 13.19 9.76
C GLU D 249 18.73 11.85 9.33
N TYR D 250 17.56 11.51 9.87
CA TYR D 250 16.84 10.32 9.42
C TYR D 250 16.10 10.65 8.14
N PRO D 251 15.75 9.65 7.34
CA PRO D 251 14.91 9.98 6.18
C PRO D 251 13.56 10.50 6.64
N HIS D 252 12.92 11.33 5.83
CA HIS D 252 11.53 11.67 6.06
C HIS D 252 10.65 10.49 5.60
N ARG D 253 9.60 10.18 6.34
CA ARG D 253 8.80 8.99 6.06
C ARG D 253 7.33 9.33 5.86
N ARG D 254 6.65 8.48 5.10
CA ARG D 254 5.22 8.65 4.89
C ARG D 254 4.49 8.02 6.05
N ILE D 255 3.50 8.75 6.57
CA ILE D 255 2.67 8.22 7.64
C ILE D 255 1.21 8.58 7.36
N ASP D 256 0.31 7.63 7.58
CA ASP D 256 -1.12 7.90 7.44
C ASP D 256 -1.83 7.62 8.77
N ILE D 257 -2.78 8.46 9.11
CA ILE D 257 -3.52 8.29 10.35
C ILE D 257 -5.02 8.30 10.10
N ARG D 258 -5.68 7.20 10.43
CA ARG D 258 -7.12 7.06 10.20
C ARG D 258 -7.89 7.03 11.52
N LEU D 259 -8.93 7.86 11.60
CA LEU D 259 -9.86 7.83 12.74
C LEU D 259 -11.11 7.02 12.39
N ILE D 260 -11.29 5.90 13.08
CA ILE D 260 -12.38 4.97 12.85
C ILE D 260 -13.32 4.92 14.05
N PRO D 261 -14.63 4.77 13.81
CA PRO D 261 -15.58 4.50 14.89
C PRO D 261 -15.25 3.22 15.66
N LYS D 262 -15.45 3.26 16.99
CA LYS D 262 -15.20 2.14 17.89
C LYS D 262 -15.80 0.82 17.40
N ASP D 263 -17.02 0.88 16.88
CA ASP D 263 -17.71 -0.34 16.48
C ASP D 263 -17.24 -0.92 15.16
N GLN D 264 -16.51 -0.13 14.37
CA GLN D 264 -15.87 -0.69 13.19
C GLN D 264 -14.35 -0.70 13.26
N TYR D 265 -13.82 -0.54 14.46
CA TYR D 265 -12.38 -0.36 14.63
C TYR D 265 -11.65 -1.65 14.38
N TYR D 266 -12.11 -2.72 15.01
CA TYR D 266 -11.40 -3.98 14.87
C TYR D 266 -11.55 -4.60 13.47
N CYS D 267 -12.64 -4.28 12.76
CA CYS D 267 -12.74 -4.61 11.33
C CYS D 267 -11.67 -3.83 10.57
N GLY D 268 -11.47 -2.58 10.96
CA GLY D 268 -10.44 -1.75 10.33
C GLY D 268 -9.03 -2.28 10.55
N VAL D 269 -8.73 -2.63 11.79
CA VAL D 269 -7.44 -3.21 12.11
C VAL D 269 -7.17 -4.47 11.28
N LEU D 270 -8.14 -5.38 11.30
CA LEU D 270 -8.07 -6.63 10.55
C LEU D 270 -7.77 -6.39 9.09
N TYR D 271 -8.55 -5.48 8.50
CA TYR D 271 -8.40 -5.13 7.10
C TYR D 271 -7.05 -4.47 6.84
N PHE D 272 -6.70 -3.44 7.61
CA PHE D 272 -5.45 -2.73 7.35
C PHE D 272 -4.17 -3.42 7.84
N THR D 273 -4.33 -4.54 8.55
CA THR D 273 -3.18 -5.37 8.85
C THR D 273 -2.86 -6.26 7.64
N GLY D 274 -3.91 -6.76 6.99
CA GLY D 274 -3.74 -7.63 5.84
C GLY D 274 -2.97 -8.90 6.17
N SER D 275 -2.11 -9.32 5.25
CA SER D 275 -2.03 -8.67 3.93
C SER D 275 -3.18 -9.09 3.02
N ASP D 276 -3.08 -8.68 1.76
CA ASP D 276 -4.14 -8.82 0.78
C ASP D 276 -4.64 -10.24 0.65
N ILE D 277 -3.69 -11.15 0.54
CA ILE D 277 -3.92 -12.57 0.33
C ILE D 277 -4.81 -13.11 1.46
N PHE D 278 -4.48 -12.70 2.68
CA PHE D 278 -5.25 -13.06 3.87
C PHE D 278 -6.69 -12.58 3.76
N ASN D 279 -6.84 -11.27 3.54
CA ASN D 279 -8.17 -10.67 3.40
C ASN D 279 -9.00 -11.33 2.31
N LYS D 280 -8.41 -11.48 1.12
CA LYS D 280 -9.08 -12.14 0.01
C LYS D 280 -9.52 -13.55 0.37
N ASN D 281 -8.63 -14.32 1.01
CA ASN D 281 -8.97 -15.68 1.43
C ASN D 281 -9.93 -15.70 2.60
N MET D 282 -9.75 -14.77 3.54
CA MET D 282 -10.62 -14.69 4.70
C MET D 282 -12.02 -14.27 4.29
N ARG D 283 -12.09 -13.36 3.32
CA ARG D 283 -13.37 -12.93 2.78
C ARG D 283 -14.00 -14.07 1.99
N ALA D 284 -13.17 -14.78 1.24
CA ALA D 284 -13.63 -15.93 0.46
C ALA D 284 -14.24 -16.99 1.36
N HIS D 285 -13.48 -17.39 2.38
CA HIS D 285 -13.95 -18.39 3.33
C HIS D 285 -15.16 -17.88 4.09
N ALA D 286 -15.18 -16.59 4.37
CA ALA D 286 -16.32 -15.98 5.05
C ALA D 286 -17.56 -15.99 4.16
N LEU D 287 -17.35 -16.06 2.85
CA LEU D 287 -18.49 -16.15 1.94
C LEU D 287 -19.03 -17.58 1.94
N GLU D 288 -18.12 -18.56 1.90
CA GLU D 288 -18.47 -19.97 2.05
C GLU D 288 -19.26 -20.22 3.35
N LYS D 289 -18.89 -19.48 4.40
CA LYS D 289 -19.49 -19.68 5.71
C LYS D 289 -20.75 -18.83 5.89
N GLY D 290 -21.09 -18.03 4.88
CA GLY D 290 -22.28 -17.19 4.93
C GLY D 290 -22.25 -15.92 5.77
N PHE D 291 -21.14 -15.19 5.71
CA PHE D 291 -21.08 -13.81 6.18
C PHE D 291 -20.43 -12.95 5.11
N THR D 292 -20.56 -11.65 5.23
CA THR D 292 -19.75 -10.76 4.40
C THR D 292 -18.91 -9.79 5.23
N ILE D 293 -17.63 -9.74 4.91
CA ILE D 293 -16.72 -8.87 5.62
C ILE D 293 -16.14 -7.84 4.66
N ASN D 294 -16.28 -6.58 5.04
CA ASN D 294 -15.57 -5.51 4.37
C ASN D 294 -14.60 -4.87 5.34
N GLU D 295 -14.07 -3.71 4.98
CA GLU D 295 -13.17 -2.96 5.84
C GLU D 295 -13.86 -2.47 7.12
N TYR D 296 -15.18 -2.31 7.07
CA TYR D 296 -15.89 -1.69 8.19
C TYR D 296 -16.70 -2.63 9.04
N THR D 297 -17.27 -3.66 8.44
CA THR D 297 -18.24 -4.46 9.16
C THR D 297 -18.15 -5.94 8.86
N ILE D 298 -18.83 -6.73 9.69
CA ILE D 298 -19.12 -8.10 9.31
C ILE D 298 -20.63 -8.23 9.31
N ARG D 299 -21.20 -8.47 8.14
CA ARG D 299 -22.64 -8.63 8.07
C ARG D 299 -23.02 -10.05 7.65
N PRO D 300 -24.04 -10.61 8.29
CA PRO D 300 -24.50 -11.96 7.99
C PRO D 300 -25.38 -11.93 6.76
N LEU D 301 -25.44 -13.05 6.05
CA LEU D 301 -26.31 -13.16 4.90
C LEU D 301 -27.55 -13.98 5.22
N GLY D 302 -28.71 -13.38 5.02
CA GLY D 302 -29.98 -14.07 5.15
C GLY D 302 -30.12 -15.13 4.06
N VAL D 303 -31.20 -15.89 4.13
CA VAL D 303 -31.41 -17.05 3.27
C VAL D 303 -31.18 -16.82 1.76
N THR D 304 -31.73 -15.74 1.20
CA THR D 304 -31.55 -15.50 -0.23
C THR D 304 -30.16 -14.96 -0.54
N GLY D 305 -29.78 -13.87 0.12
CA GLY D 305 -28.50 -13.23 -0.11
C GLY D 305 -28.52 -11.82 0.44
N VAL D 306 -29.50 -11.56 1.32
CA VAL D 306 -29.72 -10.24 1.89
C VAL D 306 -28.89 -10.01 3.16
N ALA D 307 -27.81 -9.24 3.02
CA ALA D 307 -26.96 -8.87 4.16
C ALA D 307 -27.76 -8.12 5.21
N GLY D 308 -27.79 -8.64 6.43
CA GLY D 308 -28.43 -7.95 7.53
C GLY D 308 -27.51 -6.87 8.10
N GLU D 309 -27.83 -6.41 9.31
CA GLU D 309 -27.11 -5.31 9.93
C GLU D 309 -25.72 -5.77 10.43
N PRO D 310 -24.82 -4.81 10.70
CA PRO D 310 -23.48 -5.16 11.21
C PRO D 310 -23.51 -5.92 12.54
N LEU D 311 -22.68 -6.95 12.65
CA LEU D 311 -22.55 -7.71 13.88
C LEU D 311 -21.66 -7.00 14.89
N PRO D 312 -21.96 -7.15 16.19
CA PRO D 312 -21.13 -6.57 17.26
C PRO D 312 -19.71 -7.11 17.20
N VAL D 313 -18.72 -6.23 17.00
CA VAL D 313 -17.33 -6.64 17.02
C VAL D 313 -16.52 -5.86 18.07
N ASP D 314 -15.97 -6.57 19.05
CA ASP D 314 -15.24 -5.92 20.16
C ASP D 314 -13.75 -6.28 20.20
N SER D 315 -13.30 -7.00 19.19
CA SER D 315 -11.90 -7.39 19.07
C SER D 315 -11.72 -8.04 17.71
N GLU D 316 -10.47 -8.25 17.30
CA GLU D 316 -10.20 -8.96 16.06
C GLU D 316 -10.75 -10.39 16.13
N LYS D 317 -10.63 -10.99 17.30
CA LYS D 317 -11.05 -12.37 17.51
C LYS D 317 -12.56 -12.53 17.33
N ASP D 318 -13.33 -11.53 17.76
CA ASP D 318 -14.78 -11.53 17.63
C ASP D 318 -15.21 -11.89 16.22
N ILE D 319 -14.50 -11.35 15.23
CA ILE D 319 -14.84 -11.64 13.83
C ILE D 319 -14.36 -13.03 13.39
N PHE D 320 -13.26 -13.49 13.95
CA PHE D 320 -12.85 -14.88 13.76
C PHE D 320 -13.94 -15.79 14.36
N ASP D 321 -14.36 -15.45 15.57
CA ASP D 321 -15.39 -16.16 16.32
C ASP D 321 -16.80 -15.97 15.76
N TYR D 322 -16.89 -15.43 14.55
CA TYR D 322 -18.16 -15.35 13.86
C TYR D 322 -18.17 -16.35 12.74
N ILE D 323 -16.99 -16.58 12.16
CA ILE D 323 -16.90 -17.42 10.96
C ILE D 323 -16.13 -18.72 11.19
N GLN D 324 -16.14 -19.21 12.43
CA GLN D 324 -15.51 -20.49 12.80
C GLN D 324 -14.05 -20.62 12.38
N TRP D 325 -13.26 -19.59 12.66
CA TRP D 325 -11.81 -19.66 12.47
C TRP D 325 -11.11 -19.39 13.80
N LYS D 326 -9.98 -20.05 14.02
CA LYS D 326 -9.18 -19.74 15.19
C LYS D 326 -8.30 -18.54 14.85
N TYR D 327 -8.42 -17.51 15.68
CA TYR D 327 -7.61 -16.30 15.59
C TYR D 327 -6.18 -16.59 15.14
N ARG D 328 -5.88 -16.30 13.89
CA ARG D 328 -4.51 -16.32 13.42
C ARG D 328 -3.80 -15.05 13.89
N GLU D 329 -2.55 -15.20 14.30
CA GLU D 329 -1.75 -14.05 14.67
C GLU D 329 -1.34 -13.30 13.41
N PRO D 330 -1.18 -11.98 13.54
CA PRO D 330 -0.65 -11.08 12.49
C PRO D 330 0.65 -11.60 11.85
N LYS D 331 1.43 -12.38 12.60
CA LYS D 331 2.64 -12.98 12.05
C LYS D 331 2.30 -13.86 10.85
N ASP D 332 1.26 -14.68 10.98
CA ASP D 332 0.91 -15.59 9.89
C ASP D 332 -0.41 -15.23 9.22
N ARG D 333 -0.53 -13.96 8.85
CA ARG D 333 -1.60 -13.53 7.96
C ARG D 333 -0.95 -13.17 6.63
N SER D 334 0.10 -13.91 6.32
CA SER D 334 0.79 -13.79 5.04
C SER D 334 -0.13 -14.23 3.89
N GLU D 335 -0.87 -15.32 4.10
CA GLU D 335 -1.78 -15.82 3.06
C GLU D 335 -2.99 -16.54 3.65
#